data_4PPA
#
_entry.id   4PPA
#
_cell.length_a   40.595
_cell.length_b   94.153
_cell.length_c   156.321
_cell.angle_alpha   90.00
_cell.angle_beta   90.00
_cell.angle_gamma   90.00
#
_symmetry.space_group_name_H-M   'P 21 21 21'
#
loop_
_entity.id
_entity.type
_entity.pdbx_description
1 polymer 'Tyrosine-protein kinase ITK/TSK'
2 non-polymer N-[1-(3-cyanobenzyl)-1H-pyrazol-4-yl]-6-(1H-pyrazol-4-yl)-1H-indazole-3-carboxamide
#
_entity_poly.entity_id   1
_entity_poly.type   'polypeptide(L)'
_entity_poly.pdbx_seq_one_letter_code
;GSVIDPSELTFVQEIGSGQFGLVHLGYWLNKDKVAIKTIREGAMSEEDFIEEAEVMMKLSHPKLVQLYGVCLEQAPICLV
FEFMEHGCLSDYLRTQRGLFAAETLLGMCLDVCEGMAYLEEACVIHRDLAARNCLVGENQVIKVSDFGMTRFVLDDQETS
STGTKFPVKWASPEVFSFSRYSSKSDVWSFGVLMWEVFSEGKIPYENRSNSEVVEDISTGFRLYKPRLASTHVYQIMNHC
WKERPEDRPAFSRLLRQLAEIAESGL
;
_entity_poly.pdbx_strand_id   A,B
#
# COMPACT_ATOMS: atom_id res chain seq x y z
N SER A 2 -11.33 16.91 0.51
CA SER A 2 -10.46 17.20 1.65
C SER A 2 -9.77 18.55 1.49
N VAL A 3 -10.12 19.51 2.38
CA VAL A 3 -9.58 20.86 2.43
C VAL A 3 -8.80 21.01 3.74
N ILE A 4 -7.59 21.60 3.67
CA ILE A 4 -6.71 21.85 4.82
C ILE A 4 -6.83 23.31 5.21
N ASP A 5 -7.10 23.58 6.51
CA ASP A 5 -7.18 24.94 7.02
C ASP A 5 -5.75 25.50 7.25
N PRO A 6 -5.50 26.80 6.95
CA PRO A 6 -4.13 27.35 7.09
C PRO A 6 -3.40 27.09 8.40
N SER A 7 -4.11 27.07 9.56
CA SER A 7 -3.58 26.81 10.91
C SER A 7 -2.70 25.58 10.95
N GLU A 8 -3.16 24.52 10.29
CA GLU A 8 -2.53 23.23 10.18
C GLU A 8 -1.20 23.31 9.43
N LEU A 9 -1.08 24.20 8.44
CA LEU A 9 0.14 24.38 7.63
C LEU A 9 1.15 25.34 8.22
N THR A 10 2.45 25.00 8.10
CA THR A 10 3.58 25.78 8.58
C THR A 10 4.67 25.77 7.50
N PHE A 11 4.91 26.92 6.86
CA PHE A 11 5.94 27.08 5.83
C PHE A 11 7.32 27.08 6.49
N VAL A 12 8.35 26.56 5.78
CA VAL A 12 9.71 26.46 6.32
C VAL A 12 10.73 27.18 5.43
N GLN A 13 10.94 26.69 4.20
CA GLN A 13 11.91 27.22 3.25
C GLN A 13 11.49 26.94 1.81
N GLU A 14 11.99 27.76 0.86
CA GLU A 14 11.72 27.55 -0.56
C GLU A 14 12.59 26.40 -1.05
N ILE A 15 12.01 25.51 -1.88
CA ILE A 15 12.71 24.35 -2.44
C ILE A 15 12.66 24.39 -3.98
N GLY A 16 12.85 25.60 -4.51
CA GLY A 16 12.86 25.88 -5.95
C GLY A 16 11.49 26.05 -6.56
N SER A 17 11.44 26.25 -7.89
CA SER A 17 10.21 26.43 -8.66
C SER A 17 10.34 25.87 -10.08
N GLY A 18 9.27 25.19 -10.53
CA GLY A 18 9.20 24.62 -11.86
C GLY A 18 8.78 25.67 -12.87
N GLN A 19 7.64 25.45 -13.55
CA GLN A 19 7.09 26.39 -14.54
C GLN A 19 5.88 27.11 -13.94
N PHE A 20 4.94 26.34 -13.34
CA PHE A 20 3.72 26.88 -12.73
C PHE A 20 3.78 26.85 -11.19
N GLY A 21 4.06 28.01 -10.61
CA GLY A 21 4.12 28.23 -9.17
C GLY A 21 5.38 27.77 -8.45
N LEU A 22 5.69 28.44 -7.32
CA LEU A 22 6.84 28.18 -6.45
C LEU A 22 6.48 27.11 -5.40
N VAL A 23 7.41 26.16 -5.16
CA VAL A 23 7.24 25.05 -4.22
C VAL A 23 8.03 25.36 -2.93
N HIS A 24 7.44 25.04 -1.77
CA HIS A 24 8.03 25.26 -0.45
C HIS A 24 8.00 23.99 0.38
N LEU A 25 9.00 23.83 1.27
CA LEU A 25 9.02 22.74 2.24
C LEU A 25 8.20 23.25 3.44
N GLY A 26 7.37 22.39 3.99
CA GLY A 26 6.53 22.75 5.12
C GLY A 26 6.16 21.59 6.02
N TYR A 27 5.57 21.91 7.17
CA TYR A 27 5.09 20.92 8.13
C TYR A 27 3.60 21.08 8.25
N TRP A 28 2.88 19.96 8.12
CA TRP A 28 1.43 19.93 8.22
C TRP A 28 1.04 19.20 9.50
N LEU A 29 0.40 19.94 10.42
CA LEU A 29 -0.06 19.44 11.72
C LEU A 29 -1.36 18.68 11.51
N ASN A 30 -1.26 17.34 11.61
CA ASN A 30 -2.34 16.40 11.38
C ASN A 30 -2.86 15.81 12.69
N LYS A 31 -4.17 15.96 12.95
CA LYS A 31 -4.87 15.44 14.12
C LYS A 31 -5.59 14.16 13.68
N ASP A 32 -4.86 13.03 13.70
CA ASP A 32 -5.35 11.72 13.25
C ASP A 32 -5.88 10.86 14.38
N LYS A 33 -6.98 10.13 14.11
CA LYS A 33 -7.59 9.17 15.05
C LYS A 33 -6.65 7.96 15.20
N VAL A 34 -6.41 7.54 16.45
CA VAL A 34 -5.57 6.40 16.80
C VAL A 34 -6.25 5.57 17.89
N ALA A 35 -5.85 4.29 18.03
CA ALA A 35 -6.31 3.43 19.11
C ALA A 35 -5.12 3.25 20.05
N ILE A 36 -5.28 3.67 21.31
CA ILE A 36 -4.21 3.62 22.32
C ILE A 36 -4.47 2.49 23.32
N LYS A 37 -3.55 1.49 23.33
CA LYS A 37 -3.60 0.33 24.21
C LYS A 37 -2.69 0.57 25.43
N THR A 38 -3.26 0.60 26.65
CA THR A 38 -2.48 0.79 27.87
C THR A 38 -2.04 -0.57 28.46
N ILE A 39 -1.03 -0.54 29.36
CA ILE A 39 -0.48 -1.73 30.04
C ILE A 39 -1.48 -2.27 31.07
N GLU A 47 13.68 -2.46 27.63
CA GLU A 47 14.34 -3.72 27.94
C GLU A 47 13.39 -4.92 27.80
N ASP A 48 12.16 -4.83 28.35
CA ASP A 48 11.16 -5.90 28.30
C ASP A 48 10.25 -5.79 27.08
N PHE A 49 9.67 -4.60 26.85
CA PHE A 49 8.73 -4.33 25.75
C PHE A 49 9.29 -3.45 24.62
N ILE A 50 10.34 -2.64 24.90
CA ILE A 50 10.96 -1.72 23.92
C ILE A 50 11.55 -2.50 22.70
N GLU A 51 12.00 -3.76 22.93
CA GLU A 51 12.54 -4.64 21.90
C GLU A 51 11.43 -5.07 20.93
N GLU A 52 10.27 -5.48 21.49
CA GLU A 52 9.07 -5.95 20.78
C GLU A 52 8.50 -4.90 19.82
N ALA A 53 8.47 -3.62 20.25
CA ALA A 53 7.93 -2.46 19.52
C ALA A 53 8.50 -2.25 18.12
N GLU A 54 9.84 -2.09 18.01
CA GLU A 54 10.54 -1.87 16.73
C GLU A 54 10.40 -3.07 15.77
N VAL A 55 10.36 -4.30 16.34
CA VAL A 55 10.19 -5.56 15.60
C VAL A 55 8.75 -5.64 15.04
N MET A 56 7.75 -5.28 15.86
CA MET A 56 6.32 -5.25 15.50
C MET A 56 6.07 -4.17 14.42
N MET A 57 6.80 -3.03 14.51
CA MET A 57 6.73 -1.93 13.55
C MET A 57 7.31 -2.31 12.18
N LYS A 58 8.26 -3.29 12.16
CA LYS A 58 8.87 -3.82 10.94
C LYS A 58 7.85 -4.68 10.18
N LEU A 59 6.90 -5.30 10.92
CA LEU A 59 5.82 -6.11 10.36
C LEU A 59 4.76 -5.20 9.73
N SER A 60 4.87 -4.96 8.41
CA SER A 60 3.95 -4.09 7.69
C SER A 60 3.23 -4.83 6.57
N HIS A 61 1.89 -4.84 6.64
CA HIS A 61 0.99 -5.48 5.67
C HIS A 61 -0.36 -4.77 5.72
N PRO A 62 -1.05 -4.57 4.57
CA PRO A 62 -2.37 -3.91 4.61
C PRO A 62 -3.46 -4.66 5.39
N LYS A 63 -3.26 -5.96 5.70
CA LYS A 63 -4.26 -6.78 6.43
C LYS A 63 -3.88 -7.06 7.90
N LEU A 64 -2.98 -6.23 8.45
CA LEU A 64 -2.57 -6.28 9.84
C LEU A 64 -2.69 -4.88 10.40
N VAL A 65 -3.23 -4.76 11.63
CA VAL A 65 -3.34 -3.46 12.31
C VAL A 65 -1.90 -2.96 12.53
N GLN A 66 -1.63 -1.70 12.17
CA GLN A 66 -0.28 -1.15 12.28
C GLN A 66 -0.01 -0.49 13.64
N LEU A 67 1.21 -0.70 14.15
CA LEU A 67 1.74 -0.09 15.36
C LEU A 67 2.48 1.17 14.90
N TYR A 68 2.08 2.33 15.41
CA TYR A 68 2.66 3.62 15.07
C TYR A 68 3.84 4.01 15.93
N GLY A 69 3.84 3.52 17.17
CA GLY A 69 4.89 3.78 18.14
C GLY A 69 4.44 3.55 19.57
N VAL A 70 5.39 3.60 20.51
CA VAL A 70 5.10 3.38 21.93
C VAL A 70 5.42 4.64 22.74
N CYS A 71 4.50 4.99 23.64
CA CYS A 71 4.61 6.11 24.55
C CYS A 71 4.90 5.56 25.95
N LEU A 72 6.09 5.88 26.50
CA LEU A 72 6.52 5.31 27.79
C LEU A 72 7.19 6.30 28.77
N GLU A 73 6.99 7.63 28.59
CA GLU A 73 7.56 8.68 29.46
C GLU A 73 7.33 8.38 30.95
N GLN A 74 6.08 7.96 31.28
CA GLN A 74 5.65 7.53 32.61
C GLN A 74 4.38 6.67 32.54
N ALA A 75 4.15 5.87 33.60
CA ALA A 75 3.02 4.95 33.75
C ALA A 75 1.65 5.67 33.73
N PRO A 76 0.60 5.08 33.11
CA PRO A 76 0.55 3.78 32.39
C PRO A 76 1.25 3.83 31.03
N ILE A 77 2.12 2.84 30.77
CA ILE A 77 2.86 2.70 29.50
C ILE A 77 1.82 2.34 28.43
N CYS A 78 1.86 3.01 27.25
CA CYS A 78 0.87 2.76 26.21
C CYS A 78 1.43 2.66 24.80
N LEU A 79 0.74 1.87 23.96
CA LEU A 79 1.06 1.61 22.56
C LEU A 79 0.06 2.32 21.64
N VAL A 80 0.57 2.98 20.61
CA VAL A 80 -0.24 3.74 19.65
C VAL A 80 -0.44 2.87 18.41
N PHE A 81 -1.71 2.55 18.12
CA PHE A 81 -2.08 1.71 16.98
C PHE A 81 -2.94 2.46 15.97
N GLU A 82 -3.09 1.85 14.79
CA GLU A 82 -3.95 2.28 13.69
C GLU A 82 -5.39 2.17 14.18
N PHE A 83 -6.21 3.19 13.89
CA PHE A 83 -7.60 3.14 14.30
C PHE A 83 -8.43 2.36 13.30
N MET A 84 -9.25 1.41 13.83
CA MET A 84 -10.13 0.58 13.03
C MET A 84 -11.56 1.00 13.32
N GLU A 85 -12.14 1.77 12.39
CA GLU A 85 -13.47 2.40 12.39
C GLU A 85 -14.64 1.60 12.99
N HIS A 86 -14.74 0.27 12.74
CA HIS A 86 -15.92 -0.50 13.18
C HIS A 86 -15.71 -1.53 14.31
N GLY A 87 -14.62 -1.42 15.07
CA GLY A 87 -14.34 -2.33 16.19
C GLY A 87 -14.04 -3.77 15.84
N CYS A 88 -14.16 -4.67 16.85
CA CYS A 88 -13.87 -6.10 16.68
C CYS A 88 -14.88 -6.81 15.78
N LEU A 89 -14.38 -7.79 15.01
CA LEU A 89 -15.15 -8.59 14.04
C LEU A 89 -16.28 -9.39 14.70
N SER A 90 -16.03 -9.99 15.89
CA SER A 90 -17.03 -10.76 16.62
C SER A 90 -18.31 -9.95 16.87
N ASP A 91 -18.19 -8.71 17.38
CA ASP A 91 -19.33 -7.83 17.62
C ASP A 91 -19.93 -7.32 16.31
N TYR A 92 -19.07 -7.06 15.31
CA TYR A 92 -19.50 -6.57 14.00
C TYR A 92 -20.45 -7.55 13.32
N LEU A 93 -20.09 -8.86 13.33
CA LEU A 93 -20.90 -9.95 12.76
C LEU A 93 -22.18 -10.18 13.57
N ARG A 94 -22.09 -10.10 14.92
CA ARG A 94 -23.21 -10.31 15.84
C ARG A 94 -24.33 -9.27 15.70
N THR A 95 -23.96 -7.96 15.63
CA THR A 95 -24.93 -6.86 15.52
C THR A 95 -25.48 -6.74 14.09
N GLN A 96 -24.79 -7.34 13.12
CA GLN A 96 -25.17 -7.30 11.70
C GLN A 96 -25.63 -8.67 11.18
N ARG A 97 -25.94 -9.62 12.09
CA ARG A 97 -26.41 -10.96 11.78
C ARG A 97 -27.66 -10.87 10.90
N GLY A 98 -27.63 -11.56 9.76
CA GLY A 98 -28.70 -11.57 8.77
C GLY A 98 -28.47 -10.58 7.64
N LEU A 99 -27.60 -9.58 7.87
CA LEU A 99 -27.26 -8.56 6.89
C LEU A 99 -25.99 -8.93 6.10
N PHE A 100 -25.67 -10.24 6.02
CA PHE A 100 -24.45 -10.67 5.32
C PHE A 100 -24.68 -11.66 4.19
N ALA A 101 -24.03 -11.37 3.05
CA ALA A 101 -23.99 -12.21 1.87
C ALA A 101 -22.76 -13.11 2.03
N ALA A 102 -22.86 -14.37 1.57
CA ALA A 102 -21.80 -15.37 1.64
C ALA A 102 -20.44 -14.94 1.03
N GLU A 103 -20.47 -13.93 0.13
CA GLU A 103 -19.31 -13.36 -0.56
C GLU A 103 -18.57 -12.39 0.35
N THR A 104 -19.33 -11.61 1.16
CA THR A 104 -18.78 -10.65 2.13
C THR A 104 -18.03 -11.44 3.20
N LEU A 105 -18.65 -12.54 3.68
CA LEU A 105 -18.11 -13.44 4.70
C LEU A 105 -16.84 -14.15 4.19
N LEU A 106 -16.86 -14.61 2.91
CA LEU A 106 -15.69 -15.23 2.29
C LEU A 106 -14.57 -14.18 2.19
N GLY A 107 -14.92 -12.98 1.71
CA GLY A 107 -14.01 -11.83 1.60
C GLY A 107 -13.34 -11.48 2.91
N MET A 108 -14.05 -11.67 4.05
CA MET A 108 -13.53 -11.42 5.40
C MET A 108 -12.45 -12.46 5.75
N CYS A 109 -12.67 -13.74 5.39
CA CYS A 109 -11.72 -14.85 5.62
C CYS A 109 -10.45 -14.66 4.80
N LEU A 110 -10.61 -14.18 3.54
CA LEU A 110 -9.50 -13.91 2.63
C LEU A 110 -8.63 -12.78 3.20
N ASP A 111 -9.26 -11.72 3.74
CA ASP A 111 -8.57 -10.60 4.39
C ASP A 111 -7.69 -11.12 5.52
N VAL A 112 -8.26 -11.91 6.46
CA VAL A 112 -7.53 -12.50 7.58
C VAL A 112 -6.39 -13.40 7.07
N CYS A 113 -6.69 -14.28 6.09
CA CYS A 113 -5.73 -15.19 5.47
C CYS A 113 -4.51 -14.47 4.85
N GLU A 114 -4.69 -13.27 4.29
CA GLU A 114 -3.59 -12.49 3.69
C GLU A 114 -2.57 -12.05 4.74
N GLY A 115 -3.05 -11.50 5.86
CA GLY A 115 -2.24 -11.05 6.98
C GLY A 115 -1.54 -12.20 7.68
N MET A 116 -2.22 -13.35 7.72
CA MET A 116 -1.74 -14.57 8.34
C MET A 116 -0.64 -15.22 7.53
N ALA A 117 -0.76 -15.20 6.18
CA ALA A 117 0.23 -15.72 5.25
C ALA A 117 1.52 -14.90 5.38
N TYR A 118 1.41 -13.56 5.57
CA TYR A 118 2.53 -12.66 5.77
C TYR A 118 3.22 -12.99 7.10
N LEU A 119 2.43 -13.16 8.19
CA LEU A 119 2.96 -13.49 9.51
C LEU A 119 3.63 -14.86 9.52
N GLU A 120 3.09 -15.81 8.73
CA GLU A 120 3.65 -17.15 8.54
C GLU A 120 5.03 -17.04 7.85
N GLU A 121 5.11 -16.26 6.74
CA GLU A 121 6.34 -16.01 5.98
C GLU A 121 7.41 -15.28 6.85
N ALA A 122 6.95 -14.39 7.76
CA ALA A 122 7.80 -13.64 8.68
C ALA A 122 8.24 -14.49 9.89
N CYS A 123 7.66 -15.70 10.03
CA CYS A 123 7.87 -16.67 11.13
C CYS A 123 7.37 -16.14 12.48
N VAL A 124 6.32 -15.30 12.44
CA VAL A 124 5.67 -14.71 13.62
C VAL A 124 4.43 -15.57 13.88
N ILE A 125 4.28 -16.05 15.12
CA ILE A 125 3.15 -16.89 15.48
C ILE A 125 2.16 -16.11 16.31
N HIS A 126 0.91 -16.05 15.85
CA HIS A 126 -0.19 -15.43 16.58
C HIS A 126 -0.55 -16.48 17.62
N ARG A 127 -0.95 -16.10 18.82
CA ARG A 127 -1.30 -17.14 19.77
C ARG A 127 -2.79 -17.13 20.07
N ASP A 128 -3.52 -16.13 19.53
CA ASP A 128 -4.93 -15.95 19.79
C ASP A 128 -5.72 -15.52 18.56
N LEU A 129 -5.58 -16.27 17.46
CA LEU A 129 -6.36 -15.95 16.28
C LEU A 129 -7.82 -16.34 16.51
N ALA A 130 -8.68 -15.32 16.59
CA ALA A 130 -10.12 -15.40 16.84
C ALA A 130 -10.74 -14.14 16.22
N ALA A 131 -12.06 -14.16 15.95
CA ALA A 131 -12.74 -13.01 15.36
C ALA A 131 -12.66 -11.75 16.25
N ARG A 132 -12.62 -11.93 17.60
CA ARG A 132 -12.51 -10.87 18.62
C ARG A 132 -11.17 -10.08 18.53
N ASN A 133 -10.12 -10.72 17.98
CA ASN A 133 -8.79 -10.15 17.79
C ASN A 133 -8.60 -9.62 16.37
N CYS A 134 -9.67 -9.66 15.58
CA CYS A 134 -9.69 -9.13 14.21
C CYS A 134 -10.54 -7.89 14.24
N LEU A 135 -10.16 -6.87 13.46
CA LEU A 135 -10.87 -5.60 13.47
C LEU A 135 -11.36 -5.17 12.11
N VAL A 136 -12.51 -4.47 12.09
CA VAL A 136 -13.18 -3.95 10.88
C VAL A 136 -12.86 -2.46 10.66
N GLY A 137 -12.42 -2.14 9.45
CA GLY A 137 -12.09 -0.77 9.05
C GLY A 137 -12.92 -0.31 7.86
N GLU A 138 -12.39 0.66 7.10
CA GLU A 138 -13.03 1.24 5.91
C GLU A 138 -13.38 0.20 4.87
N ASN A 139 -14.64 0.24 4.37
CA ASN A 139 -15.22 -0.66 3.37
C ASN A 139 -15.16 -2.15 3.79
N GLN A 140 -15.53 -2.44 5.06
CA GLN A 140 -15.58 -3.76 5.68
C GLN A 140 -14.24 -4.56 5.64
N VAL A 141 -13.08 -3.88 5.47
CA VAL A 141 -11.78 -4.54 5.46
C VAL A 141 -11.47 -5.15 6.84
N ILE A 142 -10.90 -6.37 6.86
CA ILE A 142 -10.53 -7.05 8.10
C ILE A 142 -9.01 -7.09 8.24
N LYS A 143 -8.53 -6.68 9.42
CA LYS A 143 -7.12 -6.64 9.76
C LYS A 143 -6.91 -7.41 11.07
N VAL A 144 -5.76 -8.06 11.23
CA VAL A 144 -5.44 -8.87 12.41
C VAL A 144 -4.73 -8.03 13.48
N SER A 145 -5.08 -8.24 14.77
CA SER A 145 -4.49 -7.56 15.92
C SER A 145 -4.07 -8.54 17.00
N ASP A 146 -3.32 -8.07 18.03
CA ASP A 146 -2.82 -8.83 19.19
C ASP A 146 -1.91 -10.00 18.79
N PHE A 147 -1.00 -9.79 17.83
CA PHE A 147 -0.09 -10.84 17.37
C PHE A 147 1.28 -10.79 18.06
N GLY A 148 1.84 -11.97 18.29
CA GLY A 148 3.13 -12.17 18.94
C GLY A 148 3.15 -13.38 19.85
N PRO A 167 -10.42 -19.64 25.20
CA PRO A 167 -9.09 -19.89 24.63
C PRO A 167 -8.95 -21.27 23.99
N VAL A 168 -9.47 -22.32 24.68
CA VAL A 168 -9.47 -23.74 24.29
C VAL A 168 -10.29 -23.99 23.00
N LYS A 169 -11.37 -23.19 22.79
CA LYS A 169 -12.26 -23.25 21.63
C LYS A 169 -11.54 -23.00 20.28
N TRP A 170 -10.48 -22.16 20.28
CA TRP A 170 -9.66 -21.83 19.10
C TRP A 170 -8.33 -22.61 19.11
N ALA A 171 -8.06 -23.36 20.19
CA ALA A 171 -6.81 -24.11 20.37
C ALA A 171 -6.80 -25.50 19.74
N SER A 172 -5.70 -25.81 19.03
CA SER A 172 -5.45 -27.09 18.38
C SER A 172 -5.04 -28.13 19.43
N PRO A 173 -5.17 -29.46 19.19
CA PRO A 173 -4.77 -30.46 20.20
C PRO A 173 -3.44 -30.21 20.91
N GLU A 174 -2.35 -29.96 20.15
CA GLU A 174 -1.01 -29.70 20.71
C GLU A 174 -0.96 -28.50 21.64
N VAL A 175 -1.81 -27.49 21.40
CA VAL A 175 -1.87 -26.27 22.19
C VAL A 175 -2.60 -26.48 23.53
N PHE A 176 -3.77 -27.15 23.53
CA PHE A 176 -4.46 -27.37 24.81
C PHE A 176 -3.82 -28.53 25.60
N SER A 177 -3.10 -29.45 24.93
CA SER A 177 -2.44 -30.58 25.57
C SER A 177 -0.99 -30.32 25.99
N PHE A 178 -0.18 -29.67 25.10
CA PHE A 178 1.26 -29.44 25.36
C PHE A 178 1.77 -28.01 25.12
N SER A 179 0.87 -27.07 24.77
CA SER A 179 1.20 -25.67 24.46
C SER A 179 2.24 -25.54 23.32
N ARG A 180 2.08 -26.39 22.28
CA ARG A 180 2.96 -26.43 21.11
C ARG A 180 2.45 -25.52 19.98
N TYR A 181 2.79 -24.22 20.07
CA TYR A 181 2.39 -23.20 19.11
C TYR A 181 3.26 -23.24 17.86
N SER A 182 2.65 -22.95 16.70
CA SER A 182 3.25 -22.91 15.36
C SER A 182 2.25 -22.25 14.40
N SER A 183 2.63 -22.08 13.10
CA SER A 183 1.73 -21.52 12.09
C SER A 183 0.55 -22.46 11.82
N LYS A 184 0.77 -23.78 11.96
CA LYS A 184 -0.26 -24.80 11.76
C LYS A 184 -1.30 -24.80 12.89
N SER A 185 -0.92 -24.35 14.11
CA SER A 185 -1.85 -24.21 15.24
C SER A 185 -2.68 -22.96 14.99
N ASP A 186 -2.07 -21.94 14.35
CA ASP A 186 -2.72 -20.70 13.92
C ASP A 186 -3.74 -21.00 12.83
N VAL A 187 -3.46 -22.03 11.99
CA VAL A 187 -4.35 -22.51 10.93
C VAL A 187 -5.61 -23.11 11.57
N TRP A 188 -5.46 -23.89 12.65
CA TRP A 188 -6.60 -24.44 13.39
C TRP A 188 -7.48 -23.28 13.86
N SER A 189 -6.86 -22.28 14.51
CA SER A 189 -7.52 -21.06 15.00
C SER A 189 -8.28 -20.35 13.87
N PHE A 190 -7.67 -20.30 12.66
CA PHE A 190 -8.27 -19.72 11.43
C PHE A 190 -9.52 -20.49 11.00
N GLY A 191 -9.49 -21.83 11.14
CA GLY A 191 -10.63 -22.68 10.84
C GLY A 191 -11.81 -22.31 11.73
N VAL A 192 -11.55 -22.10 13.03
CA VAL A 192 -12.54 -21.67 14.03
C VAL A 192 -13.03 -20.25 13.70
N LEU A 193 -12.10 -19.36 13.29
CA LEU A 193 -12.38 -17.98 12.88
C LEU A 193 -13.33 -18.00 11.68
N MET A 194 -13.04 -18.83 10.63
CA MET A 194 -13.87 -19.01 9.43
C MET A 194 -15.28 -19.40 9.86
N TRP A 195 -15.41 -20.37 10.80
CA TRP A 195 -16.70 -20.79 11.35
C TRP A 195 -17.42 -19.62 12.01
N GLU A 196 -16.69 -18.80 12.82
CA GLU A 196 -17.26 -17.60 13.49
C GLU A 196 -17.79 -16.62 12.45
N VAL A 197 -17.04 -16.42 11.35
CA VAL A 197 -17.40 -15.54 10.25
C VAL A 197 -18.69 -16.03 9.53
N PHE A 198 -18.68 -17.27 9.02
CA PHE A 198 -19.80 -17.83 8.26
C PHE A 198 -21.05 -18.13 9.10
N SER A 199 -20.92 -18.21 10.43
CA SER A 199 -22.06 -18.42 11.33
C SER A 199 -22.59 -17.05 11.83
N GLU A 200 -21.92 -15.96 11.42
CA GLU A 200 -22.24 -14.56 11.73
C GLU A 200 -22.02 -14.23 13.22
N GLY A 201 -20.89 -14.67 13.74
CA GLY A 201 -20.43 -14.39 15.10
C GLY A 201 -20.98 -15.25 16.21
N LYS A 202 -21.40 -16.49 15.92
CA LYS A 202 -21.91 -17.40 16.94
C LYS A 202 -20.74 -17.96 17.77
N ILE A 203 -21.01 -18.37 19.03
CA ILE A 203 -19.97 -18.88 19.94
C ILE A 203 -19.64 -20.34 19.62
N PRO A 204 -18.36 -20.66 19.30
CA PRO A 204 -18.01 -22.07 19.02
C PRO A 204 -18.10 -22.93 20.29
N TYR A 205 -18.75 -24.12 20.20
CA TYR A 205 -18.96 -25.05 21.32
C TYR A 205 -19.65 -24.32 22.51
N GLU A 206 -20.64 -23.45 22.18
CA GLU A 206 -21.42 -22.55 23.05
C GLU A 206 -21.67 -23.03 24.49
N ASN A 207 -22.36 -24.17 24.65
CA ASN A 207 -22.71 -24.68 25.99
C ASN A 207 -21.80 -25.83 26.46
N ARG A 208 -20.48 -25.73 26.14
CA ARG A 208 -19.46 -26.69 26.55
C ARG A 208 -18.36 -25.98 27.36
N SER A 209 -17.74 -26.71 28.30
CA SER A 209 -16.66 -26.19 29.14
C SER A 209 -15.29 -26.55 28.55
N ASN A 210 -14.22 -25.88 29.03
CA ASN A 210 -12.82 -26.05 28.59
C ASN A 210 -12.35 -27.51 28.55
N SER A 211 -12.94 -28.37 29.38
CA SER A 211 -12.65 -29.81 29.46
C SER A 211 -13.53 -30.62 28.51
N GLU A 212 -14.79 -30.18 28.32
CA GLU A 212 -15.78 -30.80 27.43
C GLU A 212 -15.33 -30.65 25.98
N VAL A 213 -14.81 -29.46 25.62
CA VAL A 213 -14.28 -29.12 24.29
C VAL A 213 -13.13 -30.08 23.92
N VAL A 214 -12.20 -30.30 24.86
CA VAL A 214 -11.04 -31.21 24.74
C VAL A 214 -11.50 -32.64 24.46
N GLU A 215 -12.55 -33.09 25.18
CA GLU A 215 -13.14 -34.42 25.04
C GLU A 215 -13.72 -34.61 23.62
N ASP A 216 -14.53 -33.64 23.15
CA ASP A 216 -15.21 -33.67 21.85
C ASP A 216 -14.27 -33.66 20.63
N ILE A 217 -13.25 -32.76 20.64
CA ILE A 217 -12.25 -32.64 19.57
C ILE A 217 -11.39 -33.92 19.45
N SER A 218 -10.93 -34.46 20.59
CA SER A 218 -10.13 -35.68 20.66
C SER A 218 -10.86 -36.91 20.09
N THR A 219 -12.20 -36.96 20.25
CA THR A 219 -13.09 -38.02 19.73
C THR A 219 -13.39 -37.82 18.22
N GLY A 220 -12.93 -36.70 17.65
CA GLY A 220 -13.03 -36.40 16.22
C GLY A 220 -14.16 -35.51 15.75
N PHE A 221 -15.06 -35.10 16.65
CA PHE A 221 -16.19 -34.23 16.30
C PHE A 221 -15.76 -32.78 16.03
N ARG A 222 -16.42 -32.12 15.05
CA ARG A 222 -16.12 -30.76 14.63
C ARG A 222 -17.37 -29.88 14.55
N LEU A 223 -17.16 -28.53 14.54
CA LEU A 223 -18.21 -27.51 14.45
C LEU A 223 -19.00 -27.72 13.15
N TYR A 224 -20.34 -27.69 13.23
CA TYR A 224 -21.23 -27.95 12.09
C TYR A 224 -21.06 -26.94 10.94
N LYS A 225 -21.46 -27.36 9.73
CA LYS A 225 -21.43 -26.55 8.53
C LYS A 225 -22.50 -25.47 8.61
N PRO A 226 -22.12 -24.16 8.70
CA PRO A 226 -23.14 -23.10 8.73
C PRO A 226 -23.78 -22.98 7.34
N ARG A 227 -25.07 -22.59 7.29
CA ARG A 227 -25.85 -22.47 6.06
C ARG A 227 -25.18 -21.59 4.99
N LEU A 228 -24.54 -20.48 5.42
CA LEU A 228 -23.88 -19.54 4.54
C LEU A 228 -22.58 -20.07 3.92
N ALA A 229 -21.98 -21.08 4.55
CA ALA A 229 -20.75 -21.69 4.05
C ALA A 229 -21.08 -22.79 3.05
N SER A 230 -20.40 -22.78 1.88
CA SER A 230 -20.57 -23.77 0.82
C SER A 230 -19.93 -25.09 1.27
N THR A 231 -20.14 -26.19 0.51
CA THR A 231 -19.52 -27.47 0.85
C THR A 231 -17.97 -27.36 0.78
N HIS A 232 -17.45 -26.60 -0.21
CA HIS A 232 -16.01 -26.38 -0.40
C HIS A 232 -15.36 -25.59 0.73
N VAL A 233 -16.07 -24.56 1.25
CA VAL A 233 -15.63 -23.73 2.38
C VAL A 233 -15.54 -24.58 3.66
N TYR A 234 -16.53 -25.47 3.88
CA TYR A 234 -16.54 -26.38 5.02
C TYR A 234 -15.44 -27.43 4.95
N GLN A 235 -15.05 -27.84 3.72
CA GLN A 235 -13.95 -28.75 3.44
C GLN A 235 -12.62 -28.10 3.88
N ILE A 236 -12.46 -26.78 3.61
CA ILE A 236 -11.32 -25.96 3.98
C ILE A 236 -11.26 -25.87 5.50
N MET A 237 -12.41 -25.63 6.16
CA MET A 237 -12.55 -25.56 7.62
C MET A 237 -12.08 -26.88 8.28
N ASN A 238 -12.56 -28.03 7.80
CA ASN A 238 -12.17 -29.35 8.32
C ASN A 238 -10.71 -29.67 8.08
N HIS A 239 -10.13 -29.10 7.00
CA HIS A 239 -8.72 -29.26 6.66
C HIS A 239 -7.85 -28.54 7.69
N CYS A 240 -8.32 -27.36 8.15
CA CYS A 240 -7.69 -26.57 9.22
C CYS A 240 -7.84 -27.32 10.56
N TRP A 241 -8.84 -28.21 10.66
CA TRP A 241 -9.15 -28.97 11.87
C TRP A 241 -8.66 -30.41 11.88
N LYS A 242 -7.60 -30.72 11.12
CA LYS A 242 -7.03 -32.07 11.12
C LYS A 242 -6.25 -32.22 12.43
N GLU A 243 -6.21 -33.45 12.98
CA GLU A 243 -5.53 -33.77 14.24
C GLU A 243 -4.01 -33.48 14.12
N ARG A 244 -3.36 -34.04 13.09
CA ARG A 244 -1.94 -33.85 12.80
C ARG A 244 -1.71 -32.44 12.24
N PRO A 245 -0.82 -31.62 12.85
CA PRO A 245 -0.58 -30.25 12.33
C PRO A 245 0.03 -30.22 10.94
N GLU A 246 0.82 -31.26 10.57
CA GLU A 246 1.44 -31.38 9.25
C GLU A 246 0.42 -31.74 8.16
N ASP A 247 -0.79 -32.20 8.57
CA ASP A 247 -1.91 -32.52 7.67
C ASP A 247 -2.67 -31.26 7.29
N ARG A 248 -2.68 -30.26 8.19
CA ARG A 248 -3.31 -28.96 7.99
C ARG A 248 -2.54 -28.18 6.93
N PRO A 249 -3.21 -27.38 6.07
CA PRO A 249 -2.46 -26.66 5.03
C PRO A 249 -1.85 -25.37 5.57
N ALA A 250 -0.78 -24.88 4.91
CA ALA A 250 -0.14 -23.62 5.28
C ALA A 250 -1.06 -22.48 4.84
N PHE A 251 -0.94 -21.31 5.49
CA PHE A 251 -1.71 -20.13 5.13
C PHE A 251 -1.47 -19.73 3.67
N SER A 252 -0.23 -19.97 3.15
CA SER A 252 0.15 -19.71 1.76
C SER A 252 -0.70 -20.56 0.80
N ARG A 253 -1.02 -21.79 1.22
CA ARG A 253 -1.86 -22.72 0.48
C ARG A 253 -3.34 -22.31 0.62
N LEU A 254 -3.76 -21.90 1.83
CA LEU A 254 -5.13 -21.45 2.11
C LEU A 254 -5.46 -20.16 1.33
N LEU A 255 -4.48 -19.25 1.20
CA LEU A 255 -4.63 -17.97 0.51
C LEU A 255 -4.96 -18.12 -0.99
N ARG A 256 -4.20 -18.95 -1.72
CA ARG A 256 -4.42 -19.22 -3.15
C ARG A 256 -5.81 -19.82 -3.40
N GLN A 257 -6.26 -20.74 -2.51
CA GLN A 257 -7.55 -21.43 -2.58
C GLN A 257 -8.72 -20.48 -2.37
N LEU A 258 -8.71 -19.70 -1.28
CA LEU A 258 -9.76 -18.74 -0.96
C LEU A 258 -9.83 -17.62 -2.01
N ALA A 259 -8.67 -17.16 -2.53
CA ALA A 259 -8.59 -16.13 -3.58
C ALA A 259 -9.23 -16.59 -4.88
N GLU A 260 -9.18 -17.91 -5.17
CA GLU A 260 -9.80 -18.52 -6.36
C GLU A 260 -11.33 -18.54 -6.23
N ILE A 261 -11.85 -18.93 -5.06
CA ILE A 261 -13.29 -18.99 -4.77
C ILE A 261 -13.88 -17.56 -4.77
N ALA A 262 -13.12 -16.58 -4.25
CA ALA A 262 -13.52 -15.18 -4.20
C ALA A 262 -13.59 -14.53 -5.59
N GLU A 263 -12.79 -15.04 -6.56
CA GLU A 263 -12.77 -14.51 -7.92
C GLU A 263 -13.76 -15.22 -8.86
N SER A 264 -13.80 -16.56 -8.81
CA SER A 264 -14.72 -17.36 -9.64
C SER A 264 -16.17 -17.30 -9.14
N GLY A 265 -16.34 -17.12 -7.84
CA GLY A 265 -17.65 -17.07 -7.19
C GLY A 265 -18.10 -18.40 -6.63
N SER B 2 9.61 3.30 17.03
CA SER B 2 9.47 4.74 17.20
C SER B 2 8.91 5.09 18.57
N VAL B 3 9.45 6.16 19.18
CA VAL B 3 9.01 6.63 20.49
C VAL B 3 8.17 7.90 20.29
N ILE B 4 6.98 7.94 20.92
CA ILE B 4 6.06 9.06 20.86
C ILE B 4 5.98 9.67 22.27
N ASP B 5 6.20 11.00 22.39
CA ASP B 5 6.09 11.64 23.69
C ASP B 5 4.60 11.92 23.97
N PRO B 6 4.14 11.92 25.26
CA PRO B 6 2.71 12.12 25.54
C PRO B 6 2.06 13.35 24.93
N SER B 7 2.82 14.47 24.79
CA SER B 7 2.40 15.76 24.23
C SER B 7 1.62 15.63 22.92
N GLU B 8 2.07 14.72 22.04
CA GLU B 8 1.46 14.46 20.73
C GLU B 8 0.17 13.64 20.86
N LEU B 9 -0.05 12.97 22.00
CA LEU B 9 -1.22 12.11 22.24
C LEU B 9 -2.31 12.76 23.06
N THR B 10 -3.55 12.61 22.59
CA THR B 10 -4.73 13.12 23.26
C THR B 10 -5.74 11.97 23.41
N PHE B 11 -5.99 11.55 24.66
CA PHE B 11 -6.95 10.48 24.98
C PHE B 11 -8.35 11.03 24.86
N VAL B 12 -9.27 10.22 24.32
CA VAL B 12 -10.67 10.60 24.12
C VAL B 12 -11.55 9.75 25.06
N GLN B 13 -11.95 8.53 24.63
CA GLN B 13 -12.84 7.66 25.38
C GLN B 13 -12.40 6.19 25.32
N GLU B 14 -12.85 5.35 26.28
CA GLU B 14 -12.56 3.91 26.31
C GLU B 14 -13.40 3.27 25.21
N ILE B 15 -12.79 2.39 24.39
CA ILE B 15 -13.49 1.70 23.31
C ILE B 15 -13.43 0.16 23.49
N GLY B 16 -13.19 -0.27 24.73
CA GLY B 16 -13.13 -1.69 25.09
C GLY B 16 -11.86 -2.13 25.79
N SER B 17 -11.80 -3.44 26.13
CA SER B 17 -10.68 -4.12 26.80
C SER B 17 -10.80 -5.64 26.61
N GLY B 18 -9.71 -6.25 26.14
CA GLY B 18 -9.63 -7.69 25.94
C GLY B 18 -9.31 -8.38 27.26
N GLN B 19 -8.09 -8.96 27.34
CA GLN B 19 -7.59 -9.62 28.55
C GLN B 19 -6.37 -8.87 29.09
N PHE B 20 -5.55 -8.31 28.17
CA PHE B 20 -4.34 -7.55 28.50
C PHE B 20 -4.42 -6.09 28.02
N GLY B 21 -4.80 -5.21 28.96
CA GLY B 21 -4.91 -3.78 28.73
C GLY B 21 -6.25 -3.27 28.21
N LEU B 22 -6.46 -1.95 28.36
CA LEU B 22 -7.65 -1.22 27.94
C LEU B 22 -7.33 -0.37 26.70
N VAL B 23 -8.25 -0.35 25.72
CA VAL B 23 -8.09 0.40 24.47
C VAL B 23 -8.92 1.68 24.48
N HIS B 24 -8.29 2.80 24.13
CA HIS B 24 -8.93 4.11 24.05
C HIS B 24 -8.87 4.65 22.63
N LEU B 25 -9.84 5.52 22.28
CA LEU B 25 -9.79 6.26 21.03
C LEU B 25 -8.95 7.49 21.41
N GLY B 26 -8.08 7.91 20.51
CA GLY B 26 -7.22 9.05 20.74
C GLY B 26 -6.89 9.83 19.49
N TYR B 27 -6.34 11.03 19.67
CA TYR B 27 -5.89 11.84 18.54
C TYR B 27 -4.39 11.99 18.64
N TRP B 28 -3.70 11.69 17.55
CA TRP B 28 -2.24 11.80 17.51
C TRP B 28 -1.84 12.96 16.62
N LEU B 29 -1.28 14.00 17.24
CA LEU B 29 -0.83 15.22 16.55
C LEU B 29 0.52 14.95 15.92
N ASN B 30 0.53 14.84 14.59
CA ASN B 30 1.71 14.53 13.81
C ASN B 30 2.15 15.74 12.97
N LYS B 31 3.46 16.02 12.99
CA LYS B 31 4.13 17.09 12.26
C LYS B 31 4.78 16.42 11.03
N ASP B 32 4.06 16.45 9.89
CA ASP B 32 4.50 15.80 8.65
C ASP B 32 5.05 16.74 7.59
N LYS B 33 6.21 16.37 7.02
CA LYS B 33 6.86 17.13 5.94
C LYS B 33 5.98 17.08 4.69
N VAL B 34 5.74 18.25 4.08
CA VAL B 34 4.92 18.39 2.86
C VAL B 34 5.58 19.35 1.87
N ALA B 35 5.16 19.29 0.60
CA ALA B 35 5.61 20.19 -0.45
C ALA B 35 4.40 21.05 -0.78
N ILE B 36 4.48 22.33 -0.41
CA ILE B 36 3.39 23.27 -0.62
C ILE B 36 3.63 24.02 -1.92
N LYS B 37 2.76 23.77 -2.92
CA LYS B 37 2.82 24.37 -4.24
C LYS B 37 1.89 25.59 -4.31
N THR B 38 2.49 26.79 -4.28
CA THR B 38 1.79 28.08 -4.34
C THR B 38 1.25 28.33 -5.77
N ILE B 39 0.14 29.11 -5.88
CA ILE B 39 -0.54 29.49 -7.13
C ILE B 39 0.42 30.08 -8.20
N GLU B 47 -14.57 26.54 -7.47
CA GLU B 47 -14.97 25.77 -8.64
C GLU B 47 -13.81 25.55 -9.61
N ASP B 48 -12.96 26.58 -9.80
CA ASP B 48 -11.79 26.58 -10.71
C ASP B 48 -10.75 25.51 -10.35
N PHE B 49 -10.28 25.50 -9.09
CA PHE B 49 -9.26 24.57 -8.60
C PHE B 49 -9.67 23.83 -7.30
N ILE B 50 -10.99 23.70 -7.06
CA ILE B 50 -11.53 22.98 -5.90
C ILE B 50 -12.03 21.60 -6.36
N GLU B 51 -12.71 21.56 -7.53
CA GLU B 51 -13.22 20.35 -8.15
C GLU B 51 -12.05 19.51 -8.70
N GLU B 52 -11.06 20.17 -9.35
CA GLU B 52 -9.87 19.56 -9.93
C GLU B 52 -9.01 18.84 -8.87
N ALA B 53 -8.99 19.36 -7.64
CA ALA B 53 -8.23 18.80 -6.51
C ALA B 53 -8.83 17.50 -5.99
N GLU B 54 -10.17 17.43 -5.89
CA GLU B 54 -10.94 16.27 -5.43
C GLU B 54 -10.72 15.05 -6.33
N VAL B 55 -10.71 15.27 -7.66
CA VAL B 55 -10.50 14.26 -8.70
C VAL B 55 -9.05 13.75 -8.65
N MET B 56 -8.09 14.66 -8.46
CA MET B 56 -6.65 14.38 -8.33
C MET B 56 -6.37 13.53 -7.09
N MET B 57 -7.11 13.78 -6.00
CA MET B 57 -7.00 13.04 -4.74
C MET B 57 -7.42 11.58 -4.88
N LYS B 58 -8.37 11.30 -5.80
CA LYS B 58 -8.85 9.94 -6.10
C LYS B 58 -7.77 9.12 -6.84
N LEU B 59 -6.77 9.80 -7.44
CA LEU B 59 -5.65 9.16 -8.16
C LEU B 59 -4.57 8.74 -7.16
N SER B 60 -4.82 7.66 -6.42
CA SER B 60 -3.89 7.14 -5.42
C SER B 60 -3.12 5.92 -5.89
N HIS B 61 -1.78 6.03 -5.93
CA HIS B 61 -0.86 4.96 -6.32
C HIS B 61 0.47 5.13 -5.57
N PRO B 62 1.13 4.02 -5.13
CA PRO B 62 2.41 4.17 -4.42
C PRO B 62 3.54 4.84 -5.23
N LYS B 63 3.39 4.95 -6.58
CA LYS B 63 4.41 5.55 -7.46
C LYS B 63 3.96 6.88 -8.10
N LEU B 64 2.96 7.52 -7.47
CA LEU B 64 2.46 8.84 -7.87
C LEU B 64 2.55 9.73 -6.65
N VAL B 65 3.04 10.97 -6.81
CA VAL B 65 3.14 11.96 -5.71
C VAL B 65 1.73 12.32 -5.28
N GLN B 66 1.39 11.99 -4.03
CA GLN B 66 0.06 12.21 -3.46
C GLN B 66 -0.26 13.66 -3.20
N LEU B 67 -1.53 14.03 -3.43
CA LEU B 67 -2.09 15.35 -3.12
C LEU B 67 -2.88 15.12 -1.83
N TYR B 68 -2.50 15.84 -0.77
CA TYR B 68 -3.15 15.72 0.53
C TYR B 68 -4.39 16.58 0.68
N GLY B 69 -4.41 17.70 -0.02
CA GLY B 69 -5.52 18.65 -0.01
C GLY B 69 -5.12 20.01 -0.56
N VAL B 70 -6.00 20.99 -0.35
CA VAL B 70 -5.82 22.36 -0.83
C VAL B 70 -6.14 23.36 0.30
N CYS B 71 -5.42 24.48 0.34
CA CYS B 71 -5.59 25.57 1.30
C CYS B 71 -6.10 26.80 0.53
N LEU B 72 -7.30 27.32 0.89
CA LEU B 72 -7.91 28.44 0.18
C LEU B 72 -8.15 29.70 1.01
N GLU B 73 -8.62 29.53 2.28
CA GLU B 73 -9.00 30.57 3.26
C GLU B 73 -8.22 31.88 3.15
N GLN B 74 -6.87 31.81 3.08
CA GLN B 74 -6.04 33.01 2.96
C GLN B 74 -5.02 32.91 1.81
N ALA B 75 -4.79 34.05 1.13
CA ALA B 75 -3.86 34.20 0.01
C ALA B 75 -2.42 34.40 0.52
N PRO B 76 -1.38 33.84 -0.15
CA PRO B 76 -1.39 33.05 -1.40
C PRO B 76 -2.06 31.67 -1.29
N ILE B 77 -2.90 31.35 -2.28
CA ILE B 77 -3.65 30.08 -2.40
C ILE B 77 -2.63 28.97 -2.77
N CYS B 78 -2.78 27.76 -2.19
CA CYS B 78 -1.83 26.67 -2.40
C CYS B 78 -2.43 25.27 -2.42
N LEU B 79 -1.60 24.29 -2.86
CA LEU B 79 -1.88 22.86 -2.92
C LEU B 79 -0.86 22.13 -2.05
N VAL B 80 -1.32 21.14 -1.27
CA VAL B 80 -0.47 20.40 -0.33
C VAL B 80 -0.14 19.03 -0.92
N PHE B 81 1.14 18.79 -1.19
CA PHE B 81 1.62 17.55 -1.77
C PHE B 81 2.53 16.78 -0.83
N GLU B 82 2.64 15.46 -1.08
CA GLU B 82 3.53 14.53 -0.39
C GLU B 82 4.97 14.98 -0.59
N PHE B 83 5.77 15.00 0.50
CA PHE B 83 7.17 15.41 0.40
C PHE B 83 8.07 14.31 -0.12
N MET B 84 8.90 14.65 -1.12
CA MET B 84 9.85 13.74 -1.74
C MET B 84 11.23 14.20 -1.32
N GLU B 85 11.83 13.45 -0.40
CA GLU B 85 13.12 13.71 0.27
C GLU B 85 14.28 14.16 -0.62
N HIS B 86 14.45 13.59 -1.83
CA HIS B 86 15.61 13.89 -2.66
C HIS B 86 15.38 14.75 -3.94
N GLY B 87 14.25 15.47 -4.00
CA GLY B 87 13.93 16.36 -5.11
C GLY B 87 13.70 15.69 -6.44
N CYS B 88 13.83 16.47 -7.55
CA CYS B 88 13.57 15.97 -8.89
C CYS B 88 14.65 15.01 -9.41
N LEU B 89 14.20 14.01 -10.19
CA LEU B 89 15.00 12.94 -10.78
C LEU B 89 16.09 13.46 -11.72
N SER B 90 15.81 14.51 -12.51
CA SER B 90 16.79 15.10 -13.43
C SER B 90 18.03 15.58 -12.67
N ASP B 91 17.83 16.43 -11.65
CA ASP B 91 18.92 16.95 -10.81
C ASP B 91 19.58 15.87 -9.95
N TYR B 92 18.80 14.85 -9.53
CA TYR B 92 19.29 13.72 -8.73
C TYR B 92 20.28 12.87 -9.53
N LEU B 93 19.95 12.58 -10.81
CA LEU B 93 20.80 11.80 -11.72
C LEU B 93 22.09 12.53 -12.05
N ARG B 94 22.03 13.87 -12.20
CA ARG B 94 23.16 14.74 -12.51
C ARG B 94 24.19 14.84 -11.39
N THR B 95 23.73 15.05 -10.14
CA THR B 95 24.63 15.17 -8.98
C THR B 95 25.26 13.83 -8.60
N GLN B 96 24.49 12.74 -8.71
CA GLN B 96 24.93 11.38 -8.39
C GLN B 96 25.43 10.61 -9.64
N ARG B 97 25.78 11.33 -10.73
CA ARG B 97 26.28 10.77 -11.99
C ARG B 97 27.59 10.02 -11.79
N GLY B 98 27.60 8.76 -12.20
CA GLY B 98 28.75 7.86 -12.09
C GLY B 98 28.64 6.92 -10.91
N LEU B 99 27.71 7.21 -9.98
CA LEU B 99 27.48 6.42 -8.78
C LEU B 99 26.28 5.48 -8.94
N PHE B 100 25.82 5.28 -10.18
CA PHE B 100 24.67 4.42 -10.45
C PHE B 100 25.01 3.13 -11.15
N ALA B 101 24.29 2.06 -10.75
CA ALA B 101 24.35 0.73 -11.34
C ALA B 101 23.18 0.64 -12.31
N ALA B 102 23.30 -0.17 -13.38
CA ALA B 102 22.26 -0.35 -14.39
C ALA B 102 20.92 -0.82 -13.81
N GLU B 103 20.97 -1.68 -12.77
CA GLU B 103 19.80 -2.23 -12.07
C GLU B 103 18.99 -1.14 -11.39
N THR B 104 19.69 -0.18 -10.72
CA THR B 104 19.09 0.98 -10.05
C THR B 104 18.37 1.84 -11.09
N LEU B 105 19.04 2.10 -12.22
CA LEU B 105 18.50 2.89 -13.34
C LEU B 105 17.27 2.23 -13.98
N LEU B 106 17.28 0.88 -14.12
CA LEU B 106 16.12 0.14 -14.63
C LEU B 106 14.97 0.24 -13.62
N GLY B 107 15.31 0.10 -12.33
CA GLY B 107 14.37 0.21 -11.22
C GLY B 107 13.67 1.55 -11.15
N MET B 108 14.34 2.62 -11.64
CA MET B 108 13.78 3.98 -11.71
C MET B 108 12.73 4.04 -12.82
N CYS B 109 13.02 3.43 -13.99
CA CYS B 109 12.15 3.36 -15.17
C CYS B 109 10.93 2.51 -14.86
N LEU B 110 11.13 1.43 -14.08
CA LEU B 110 10.08 0.52 -13.63
C LEU B 110 9.11 1.25 -12.70
N ASP B 111 9.65 2.09 -11.78
CA ASP B 111 8.86 2.90 -10.84
C ASP B 111 7.97 3.88 -11.58
N VAL B 112 8.53 4.62 -12.56
CA VAL B 112 7.80 5.57 -13.39
C VAL B 112 6.71 4.84 -14.18
N CYS B 113 7.06 3.69 -14.80
CA CYS B 113 6.14 2.86 -15.57
C CYS B 113 4.96 2.33 -14.75
N GLU B 114 5.16 2.03 -13.46
CA GLU B 114 4.10 1.57 -12.55
C GLU B 114 3.03 2.63 -12.35
N GLY B 115 3.45 3.87 -12.10
CA GLY B 115 2.57 5.01 -11.91
C GLY B 115 1.85 5.38 -13.19
N MET B 116 2.58 5.28 -14.32
CA MET B 116 2.09 5.56 -15.67
C MET B 116 1.07 4.53 -16.13
N ALA B 117 1.26 3.26 -15.72
CA ALA B 117 0.35 2.14 -16.02
C ALA B 117 -1.01 2.39 -15.34
N TYR B 118 -0.97 2.94 -14.11
CA TYR B 118 -2.14 3.30 -13.30
C TYR B 118 -2.85 4.48 -13.97
N LEU B 119 -2.09 5.52 -14.32
CA LEU B 119 -2.64 6.71 -14.97
C LEU B 119 -3.30 6.42 -16.31
N GLU B 120 -2.74 5.45 -17.07
CA GLU B 120 -3.25 4.97 -18.36
C GLU B 120 -4.58 4.25 -18.14
N GLU B 121 -4.65 3.43 -17.06
CA GLU B 121 -5.84 2.68 -16.66
C GLU B 121 -6.96 3.62 -16.20
N ALA B 122 -6.60 4.74 -15.56
CA ALA B 122 -7.54 5.76 -15.07
C ALA B 122 -7.93 6.76 -16.18
N CYS B 123 -7.32 6.62 -17.38
CA CYS B 123 -7.51 7.44 -18.59
C CYS B 123 -7.03 8.89 -18.43
N VAL B 124 -5.98 9.08 -17.60
CA VAL B 124 -5.37 10.39 -17.35
C VAL B 124 -4.11 10.50 -18.22
N ILE B 125 -4.02 11.57 -19.02
CA ILE B 125 -2.88 11.81 -19.91
C ILE B 125 -1.93 12.82 -19.24
N HIS B 126 -0.68 12.39 -19.01
CA HIS B 126 0.37 13.23 -18.45
C HIS B 126 1.04 13.84 -19.67
N ARG B 127 0.58 15.03 -20.07
CA ARG B 127 1.09 15.72 -21.27
C ARG B 127 2.54 16.22 -21.17
N ASP B 128 3.25 15.98 -20.02
CA ASP B 128 4.61 16.47 -19.79
C ASP B 128 5.47 15.47 -19.00
N LEU B 129 5.50 14.22 -19.42
CA LEU B 129 6.31 13.24 -18.72
C LEU B 129 7.80 13.31 -19.09
N ALA B 130 8.60 13.95 -18.23
CA ALA B 130 10.05 14.11 -18.33
C ALA B 130 10.65 13.75 -16.95
N ALA B 131 11.98 13.55 -16.87
CA ALA B 131 12.66 13.22 -15.61
C ALA B 131 12.56 14.36 -14.57
N ARG B 132 12.54 15.62 -15.03
CA ARG B 132 12.38 16.84 -14.21
C ARG B 132 11.06 16.86 -13.43
N ASN B 133 10.04 16.15 -13.97
CA ASN B 133 8.70 16.03 -13.39
C ASN B 133 8.56 14.79 -12.50
N CYS B 134 9.63 14.02 -12.34
CA CYS B 134 9.65 12.84 -11.48
C CYS B 134 10.45 13.17 -10.25
N LEU B 135 10.03 12.66 -9.10
CA LEU B 135 10.68 12.95 -7.83
C LEU B 135 11.21 11.72 -7.13
N VAL B 136 12.32 11.90 -6.38
CA VAL B 136 13.03 10.85 -5.64
C VAL B 136 12.65 10.92 -4.15
N GLY B 137 12.23 9.78 -3.60
CA GLY B 137 11.85 9.67 -2.20
C GLY B 137 12.68 8.67 -1.44
N GLU B 138 12.13 8.18 -0.30
CA GLU B 138 12.75 7.20 0.60
C GLU B 138 13.21 5.94 -0.14
N ASN B 139 14.51 5.58 0.04
CA ASN B 139 15.21 4.44 -0.57
C ASN B 139 15.23 4.51 -2.11
N GLN B 140 15.47 5.72 -2.65
CA GLN B 140 15.56 6.06 -4.08
C GLN B 140 14.30 5.69 -4.92
N VAL B 141 13.11 5.58 -4.27
CA VAL B 141 11.85 5.28 -4.96
C VAL B 141 11.46 6.50 -5.81
N ILE B 142 11.09 6.25 -7.08
CA ILE B 142 10.72 7.32 -8.00
C ILE B 142 9.20 7.40 -8.11
N LYS B 143 8.67 8.63 -8.03
CA LYS B 143 7.24 8.91 -8.15
C LYS B 143 7.00 10.03 -9.16
N VAL B 144 5.89 9.93 -9.88
CA VAL B 144 5.49 10.89 -10.92
C VAL B 144 4.69 12.03 -10.30
N SER B 145 4.93 13.27 -10.76
CA SER B 145 4.20 14.46 -10.33
C SER B 145 3.75 15.27 -11.55
N ASP B 146 3.02 16.40 -11.34
CA ASP B 146 2.51 17.31 -12.37
C ASP B 146 1.58 16.63 -13.41
N PHE B 147 0.80 15.62 -12.98
CA PHE B 147 -0.11 14.91 -13.90
C PHE B 147 -1.51 15.52 -13.97
N GLY B 148 -2.03 15.60 -15.21
CA GLY B 148 -3.33 16.16 -15.52
C GLY B 148 -3.65 16.14 -17.01
N PRO B 167 10.31 21.14 -24.31
CA PRO B 167 9.10 20.31 -24.31
C PRO B 167 8.98 19.40 -25.53
N VAL B 168 9.55 19.85 -26.68
CA VAL B 168 9.59 19.19 -28.00
C VAL B 168 10.43 17.90 -27.95
N LYS B 169 11.49 17.88 -27.12
CA LYS B 169 12.40 16.75 -26.95
C LYS B 169 11.70 15.49 -26.41
N TRP B 170 10.52 15.66 -25.75
CA TRP B 170 9.70 14.60 -25.18
C TRP B 170 8.41 14.41 -25.98
N ALA B 171 8.21 15.23 -27.03
CA ALA B 171 7.02 15.23 -27.87
C ALA B 171 7.03 14.20 -28.98
N SER B 172 5.93 13.42 -29.09
CA SER B 172 5.75 12.43 -30.13
C SER B 172 5.37 13.14 -31.45
N PRO B 173 5.58 12.54 -32.65
CA PRO B 173 5.23 13.23 -33.90
C PRO B 173 3.81 13.80 -33.99
N GLU B 174 2.81 13.17 -33.33
CA GLU B 174 1.42 13.68 -33.32
C GLU B 174 1.30 14.90 -32.42
N VAL B 175 2.16 15.02 -31.41
CA VAL B 175 2.14 16.11 -30.45
C VAL B 175 2.76 17.38 -31.05
N PHE B 176 3.98 17.29 -31.64
CA PHE B 176 4.60 18.48 -32.21
C PHE B 176 3.99 18.87 -33.57
N SER B 177 3.35 17.92 -34.27
CA SER B 177 2.74 18.21 -35.57
C SER B 177 1.23 18.49 -35.51
N PHE B 178 0.48 17.81 -34.61
CA PHE B 178 -0.99 17.97 -34.56
C PHE B 178 -1.58 18.24 -33.17
N SER B 179 -0.73 18.23 -32.11
CA SER B 179 -1.12 18.39 -30.69
C SER B 179 -2.09 17.28 -30.24
N ARG B 180 -1.87 16.05 -30.75
CA ARG B 180 -2.70 14.89 -30.43
C ARG B 180 -2.10 14.10 -29.25
N TYR B 181 -2.62 14.37 -28.04
CA TYR B 181 -2.19 13.74 -26.81
C TYR B 181 -2.99 12.48 -26.50
N SER B 182 -2.29 11.42 -26.11
CA SER B 182 -2.86 10.12 -25.75
C SER B 182 -1.92 9.45 -24.77
N SER B 183 -2.31 8.28 -24.21
CA SER B 183 -1.39 7.54 -23.34
C SER B 183 -0.17 7.08 -24.15
N LYS B 184 -0.35 6.85 -25.47
CA LYS B 184 0.71 6.47 -26.40
C LYS B 184 1.71 7.61 -26.64
N SER B 185 1.27 8.89 -26.54
CA SER B 185 2.17 10.05 -26.66
C SER B 185 3.08 10.09 -25.42
N ASP B 186 2.53 9.73 -24.23
CA ASP B 186 3.25 9.62 -22.95
C ASP B 186 4.21 8.45 -22.98
N VAL B 187 3.92 7.42 -23.81
CA VAL B 187 4.79 6.25 -24.03
C VAL B 187 6.07 6.75 -24.72
N TRP B 188 5.91 7.65 -25.72
CA TRP B 188 7.05 8.27 -26.40
C TRP B 188 7.83 9.08 -25.35
N SER B 189 7.12 9.93 -24.57
CA SER B 189 7.69 10.74 -23.49
C SER B 189 8.50 9.90 -22.51
N PHE B 190 7.99 8.68 -22.19
CA PHE B 190 8.61 7.71 -21.29
C PHE B 190 9.90 7.14 -21.90
N GLY B 191 9.92 6.98 -23.23
CA GLY B 191 11.07 6.50 -23.97
C GLY B 191 12.23 7.46 -23.81
N VAL B 192 11.93 8.76 -23.91
CA VAL B 192 12.90 9.84 -23.72
C VAL B 192 13.32 9.87 -22.25
N LEU B 193 12.35 9.67 -21.31
CA LEU B 193 12.60 9.62 -19.86
C LEU B 193 13.59 8.49 -19.55
N MET B 194 13.37 7.28 -20.13
CA MET B 194 14.23 6.11 -20.01
C MET B 194 15.65 6.47 -20.46
N TRP B 195 15.76 7.18 -21.62
CA TRP B 195 17.05 7.64 -22.14
C TRP B 195 17.72 8.55 -21.11
N GLU B 196 16.97 9.54 -20.55
CA GLU B 196 17.45 10.48 -19.52
C GLU B 196 17.99 9.78 -18.29
N VAL B 197 17.29 8.71 -17.82
CA VAL B 197 17.66 7.88 -16.68
C VAL B 197 18.98 7.14 -16.93
N PHE B 198 19.07 6.39 -18.06
CA PHE B 198 20.26 5.63 -18.41
C PHE B 198 21.43 6.49 -18.92
N SER B 199 21.17 7.77 -19.24
CA SER B 199 22.20 8.73 -19.64
C SER B 199 22.73 9.43 -18.39
N GLU B 200 22.04 9.23 -17.25
CA GLU B 200 22.34 9.81 -15.94
C GLU B 200 22.08 11.32 -15.93
N GLY B 201 20.93 11.71 -16.48
CA GLY B 201 20.45 13.08 -16.51
C GLY B 201 20.98 13.98 -17.60
N LYS B 202 21.43 13.41 -18.74
CA LYS B 202 21.93 14.20 -19.87
C LYS B 202 20.74 14.80 -20.64
N ILE B 203 20.96 15.98 -21.25
CA ILE B 203 19.91 16.67 -22.03
C ILE B 203 19.71 15.95 -23.37
N PRO B 204 18.47 15.45 -23.67
CA PRO B 204 18.25 14.80 -24.98
C PRO B 204 18.28 15.85 -26.09
N TYR B 205 18.93 15.55 -27.24
CA TYR B 205 19.07 16.46 -28.39
C TYR B 205 19.74 17.80 -27.96
N GLU B 206 20.65 17.71 -26.96
CA GLU B 206 21.39 18.77 -26.25
C GLU B 206 21.58 20.12 -27.00
N ASN B 207 22.10 20.09 -28.24
CA ASN B 207 22.35 21.33 -29.00
C ASN B 207 21.47 21.47 -30.26
N ARG B 208 20.53 20.54 -30.48
CA ARG B 208 19.64 20.61 -31.63
C ARG B 208 18.43 21.49 -31.32
N SER B 209 18.05 22.35 -32.28
CA SER B 209 16.92 23.27 -32.14
C SER B 209 15.59 22.52 -32.30
N ASN B 210 14.47 23.17 -31.91
CA ASN B 210 13.11 22.62 -32.00
C ASN B 210 12.78 22.15 -33.42
N SER B 211 13.14 22.95 -34.44
CA SER B 211 12.91 22.62 -35.85
C SER B 211 13.78 21.44 -36.30
N GLU B 212 15.05 21.39 -35.82
CA GLU B 212 16.01 20.31 -36.10
C GLU B 212 15.52 18.99 -35.52
N VAL B 213 14.95 19.02 -34.29
CA VAL B 213 14.40 17.86 -33.58
C VAL B 213 13.23 17.26 -34.40
N VAL B 214 12.32 18.13 -34.89
CA VAL B 214 11.17 17.77 -35.74
C VAL B 214 11.68 17.14 -37.05
N GLU B 215 12.69 17.76 -37.66
CA GLU B 215 13.34 17.34 -38.90
C GLU B 215 13.98 15.95 -38.75
N ASP B 216 14.83 15.75 -37.72
CA ASP B 216 15.53 14.50 -37.44
C ASP B 216 14.60 13.32 -37.16
N ILE B 217 13.60 13.50 -36.26
CA ILE B 217 12.62 12.46 -35.90
C ILE B 217 11.71 12.11 -37.09
N SER B 218 11.28 13.11 -37.88
CA SER B 218 10.43 12.91 -39.06
C SER B 218 11.11 12.10 -40.20
N THR B 219 12.47 12.03 -40.20
CA THR B 219 13.25 11.28 -41.20
C THR B 219 13.63 9.86 -40.69
N GLY B 220 13.43 9.60 -39.40
CA GLY B 220 13.69 8.31 -38.76
C GLY B 220 14.76 8.25 -37.69
N PHE B 221 15.46 9.38 -37.42
CA PHE B 221 16.53 9.46 -36.41
C PHE B 221 16.01 9.37 -34.98
N ARG B 222 16.73 8.61 -34.14
CA ARG B 222 16.42 8.40 -32.72
C ARG B 222 17.67 8.65 -31.87
N LEU B 223 17.47 8.88 -30.55
CA LEU B 223 18.57 9.10 -29.60
C LEU B 223 19.45 7.86 -29.51
N TYR B 224 20.78 8.06 -29.41
CA TYR B 224 21.75 6.96 -29.34
C TYR B 224 21.57 6.16 -28.06
N LYS B 225 21.97 4.88 -28.11
CA LYS B 225 21.91 3.95 -26.99
C LYS B 225 22.87 4.41 -25.89
N PRO B 226 22.41 4.81 -24.69
CA PRO B 226 23.36 5.20 -23.63
C PRO B 226 24.18 3.98 -23.19
N ARG B 227 25.45 4.22 -22.82
CA ARG B 227 26.44 3.22 -22.38
C ARG B 227 25.85 2.25 -21.35
N LEU B 228 25.22 2.80 -20.29
CA LEU B 228 24.63 2.08 -19.17
C LEU B 228 23.36 1.30 -19.51
N ALA B 229 22.75 1.58 -20.67
CA ALA B 229 21.55 0.88 -21.12
C ALA B 229 21.94 -0.28 -22.03
N SER B 230 21.36 -1.47 -21.79
CA SER B 230 21.62 -2.66 -22.59
C SER B 230 20.95 -2.54 -23.97
N THR B 231 21.31 -3.42 -24.94
CA THR B 231 20.70 -3.41 -26.28
C THR B 231 19.20 -3.69 -26.16
N HIS B 232 18.84 -4.58 -25.21
CA HIS B 232 17.48 -4.98 -24.86
C HIS B 232 16.65 -3.76 -24.39
N VAL B 233 17.20 -2.96 -23.45
CA VAL B 233 16.60 -1.74 -22.90
C VAL B 233 16.41 -0.69 -24.01
N TYR B 234 17.37 -0.64 -24.95
CA TYR B 234 17.34 0.27 -26.09
C TYR B 234 16.26 -0.13 -27.09
N GLN B 235 15.96 -1.44 -27.20
CA GLN B 235 14.91 -1.95 -28.07
C GLN B 235 13.56 -1.48 -27.55
N ILE B 236 13.38 -1.47 -26.21
CA ILE B 236 12.18 -0.99 -25.51
C ILE B 236 12.01 0.51 -25.81
N MET B 237 13.11 1.28 -25.69
CA MET B 237 13.18 2.70 -25.99
C MET B 237 12.75 2.99 -27.44
N ASN B 238 13.26 2.20 -28.41
CA ASN B 238 12.90 2.36 -29.82
C ASN B 238 11.43 2.04 -30.11
N HIS B 239 10.81 1.11 -29.32
CA HIS B 239 9.41 0.74 -29.44
C HIS B 239 8.53 1.87 -28.97
N CYS B 240 9.00 2.59 -27.92
CA CYS B 240 8.35 3.77 -27.38
C CYS B 240 8.39 4.89 -28.44
N TRP B 241 9.42 4.83 -29.34
CA TRP B 241 9.66 5.82 -30.37
C TRP B 241 9.23 5.44 -31.80
N LYS B 242 8.14 4.69 -31.96
CA LYS B 242 7.62 4.39 -33.31
C LYS B 242 6.83 5.66 -33.72
N GLU B 243 6.87 6.06 -35.02
CA GLU B 243 6.17 7.27 -35.46
C GLU B 243 4.65 7.19 -35.27
N ARG B 244 4.05 6.02 -35.56
CA ARG B 244 2.62 5.76 -35.38
C ARG B 244 2.36 5.35 -33.93
N PRO B 245 1.41 6.01 -33.21
CA PRO B 245 1.16 5.66 -31.80
C PRO B 245 0.60 4.26 -31.58
N GLU B 246 -0.17 3.76 -32.55
CA GLU B 246 -0.80 2.44 -32.55
C GLU B 246 0.23 1.30 -32.64
N ASP B 247 1.51 1.66 -32.92
CA ASP B 247 2.66 0.74 -33.01
C ASP B 247 3.42 0.69 -31.68
N ARG B 248 3.27 1.72 -30.85
CA ARG B 248 3.93 1.84 -29.55
C ARG B 248 3.25 0.93 -28.52
N PRO B 249 4.01 0.30 -27.59
CA PRO B 249 3.35 -0.53 -26.58
C PRO B 249 2.67 0.32 -25.51
N ALA B 250 1.57 -0.17 -24.93
CA ALA B 250 0.87 0.53 -23.85
C ALA B 250 1.67 0.34 -22.57
N PHE B 251 1.49 1.23 -21.58
CA PHE B 251 2.18 1.14 -20.30
C PHE B 251 1.94 -0.20 -19.58
N SER B 252 0.77 -0.85 -19.76
CA SER B 252 0.46 -2.16 -19.20
C SER B 252 1.37 -3.25 -19.82
N ARG B 253 1.70 -3.08 -21.13
CA ARG B 253 2.59 -3.99 -21.85
C ARG B 253 4.04 -3.69 -21.47
N LEU B 254 4.38 -2.40 -21.29
CA LEU B 254 5.71 -1.95 -20.89
C LEU B 254 6.09 -2.38 -19.45
N LEU B 255 5.12 -2.27 -18.50
CA LEU B 255 5.31 -2.64 -17.09
C LEU B 255 5.72 -4.10 -16.90
N ARG B 256 4.94 -5.05 -17.46
CA ARG B 256 5.18 -6.50 -17.38
C ARG B 256 6.57 -6.87 -17.95
N GLN B 257 6.98 -6.18 -19.03
CA GLN B 257 8.28 -6.38 -19.70
C GLN B 257 9.43 -5.91 -18.81
N LEU B 258 9.35 -4.68 -18.29
CA LEU B 258 10.36 -4.10 -17.42
C LEU B 258 10.50 -4.88 -16.11
N ALA B 259 9.38 -5.36 -15.55
CA ALA B 259 9.36 -6.15 -14.31
C ALA B 259 10.07 -7.49 -14.52
N GLU B 260 9.91 -8.12 -15.71
CA GLU B 260 10.56 -9.39 -16.05
C GLU B 260 12.09 -9.25 -16.10
N ILE B 261 12.57 -8.13 -16.69
CA ILE B 261 13.99 -7.80 -16.78
C ILE B 261 14.54 -7.53 -15.38
N ALA B 262 13.80 -6.77 -14.56
CA ALA B 262 14.18 -6.43 -13.19
C ALA B 262 14.31 -7.65 -12.27
N GLU B 263 13.34 -8.59 -12.33
CA GLU B 263 13.39 -9.80 -11.49
C GLU B 263 14.48 -10.79 -11.91
N SER B 264 14.79 -10.88 -13.23
CA SER B 264 15.84 -11.76 -13.74
C SER B 264 17.18 -11.02 -13.90
N GLY B 265 17.35 -10.28 -15.00
CA GLY B 265 18.56 -9.52 -15.28
C GLY B 265 18.68 -9.12 -16.74
#